data_8RBH
#
_entry.id   8RBH
#
_cell.length_a   45.001
_cell.length_b   78.390
_cell.length_c   73.784
_cell.angle_alpha   90.000
_cell.angle_beta   99.240
_cell.angle_gamma   90.000
#
_symmetry.space_group_name_H-M   'P 1 21 1'
#
loop_
_entity.id
_entity.type
_entity.pdbx_description
1 polymer 'Kelch-like protein 12'
2 polymer Peflin
3 non-polymer 1,2-ETHANEDIOL
4 non-polymer 'SODIUM ION'
5 water water
#
loop_
_entity_poly.entity_id
_entity_poly.type
_entity_poly.pdbx_seq_one_letter_code
_entity_poly.pdbx_strand_id
1 'polypeptide(L)'
;SMQGPRTRARLGANEVLLVVGGFGSQQSPIDVVEKYDPKTQEWSFLPSITRKRRYVASVSLHDRIYVIGGYDGRSRLSSV
ECLDYTADEDGVWYSVAPMNVRRGLAGATTLGDMIYVSGGFDGSRRHTSMERYDPNIDQWSMLGDMQTAREGAGLVVASG
VIYCLGGYDGLNILNSVEKYDPHTGHWTNVTPMATKRSGAGVALLNDHIYVVGGFDGTAHLSSVEAYNIRTDSWTTVTSM
TTPRCYVGATVLRGRLYAIAGYDGNSLLSSIECYDPIIDSWEVVTSMGTQRCDAGVCVLRE
;
A,B
2 'polypeptide(L)' GQAPGAPPGSY C,D
#
loop_
_chem_comp.id
_chem_comp.type
_chem_comp.name
_chem_comp.formula
EDO non-polymer 1,2-ETHANEDIOL 'C2 H6 O2'
NA non-polymer 'SODIUM ION' 'Na 1'
#
# COMPACT_ATOMS: atom_id res chain seq x y z
N ASN A 14 -22.31 14.04 12.94
CA ASN A 14 -21.26 13.06 13.18
C ASN A 14 -20.39 12.84 11.94
N GLU A 15 -19.34 13.63 11.81
CA GLU A 15 -18.54 13.69 10.58
C GLU A 15 -17.24 12.93 10.77
N VAL A 16 -16.91 12.09 9.80
CA VAL A 16 -15.65 11.35 9.83
C VAL A 16 -14.87 11.66 8.56
N LEU A 17 -13.62 11.30 8.58
CA LEU A 17 -12.70 11.67 7.51
C LEU A 17 -12.38 10.42 6.68
N LEU A 18 -12.43 10.56 5.36
CA LEU A 18 -12.14 9.48 4.41
C LEU A 18 -10.87 9.79 3.63
N VAL A 19 -9.98 8.78 3.55
CA VAL A 19 -8.70 8.86 2.84
C VAL A 19 -8.57 7.65 1.90
N VAL A 20 -8.32 7.92 0.62
CA VAL A 20 -8.53 6.93 -0.45
C VAL A 20 -7.33 6.92 -1.36
N GLY A 21 -6.82 5.73 -1.68
CA GLY A 21 -5.84 5.66 -2.76
C GLY A 21 -4.55 6.41 -2.42
N GLY A 22 -3.87 6.86 -3.46
CA GLY A 22 -2.65 7.63 -3.31
C GLY A 22 -1.40 6.78 -3.48
N PHE A 23 -0.28 7.38 -3.12
CA PHE A 23 1.04 6.78 -3.31
C PHE A 23 1.56 6.27 -1.96
N GLY A 24 1.78 4.94 -1.87
CA GLY A 24 2.06 4.29 -0.60
C GLY A 24 3.55 4.03 -0.35
N SER A 25 3.85 3.57 0.86
CA SER A 25 5.25 3.27 1.22
C SER A 25 5.86 2.21 0.30
N GLN A 26 5.05 1.28 -0.22
CA GLN A 26 5.48 0.33 -1.25
C GLN A 26 6.00 1.02 -2.51
N GLN A 27 5.91 2.35 -2.60
CA GLN A 27 6.43 3.11 -3.73
C GLN A 27 5.63 2.84 -5.00
N SER A 28 4.33 2.67 -4.85
CA SER A 28 3.43 2.52 -5.98
C SER A 28 2.05 2.98 -5.56
N PRO A 29 1.12 3.10 -6.50
CA PRO A 29 -0.26 3.45 -6.15
C PRO A 29 -0.90 2.35 -5.31
N ILE A 30 -1.80 2.74 -4.41
CA ILE A 30 -2.45 1.79 -3.53
C ILE A 30 -3.97 1.92 -3.69
N ASP A 31 -4.70 0.96 -3.09
CA ASP A 31 -6.16 0.96 -3.14
C ASP A 31 -6.80 1.07 -1.76
N VAL A 32 -6.02 1.46 -0.74
CA VAL A 32 -6.48 1.47 0.64
C VAL A 32 -7.51 2.56 0.85
N VAL A 33 -8.62 2.22 1.50
CA VAL A 33 -9.60 3.21 1.93
C VAL A 33 -9.65 3.17 3.44
N GLU A 34 -9.50 4.33 4.08
CA GLU A 34 -9.53 4.43 5.53
C GLU A 34 -10.50 5.50 5.99
N LYS A 35 -11.10 5.27 7.15
CA LYS A 35 -11.94 6.25 7.83
C LYS A 35 -11.31 6.62 9.16
N TYR A 36 -11.27 7.91 9.47
CA TYR A 36 -10.76 8.41 10.73
C TYR A 36 -11.86 9.20 11.44
N ASP A 37 -12.21 8.76 12.65
CA ASP A 37 -13.22 9.43 13.45
C ASP A 37 -12.54 10.37 14.41
N PRO A 38 -12.69 11.69 14.24
CA PRO A 38 -11.93 12.62 15.10
C PRO A 38 -12.38 12.64 16.54
N LYS A 39 -13.63 12.29 16.85
CA LYS A 39 -14.07 12.24 18.24
C LYS A 39 -13.33 11.13 18.99
N THR A 40 -13.47 9.89 18.52
CA THR A 40 -12.84 8.77 19.20
C THR A 40 -11.39 8.58 18.80
N GLN A 41 -10.96 9.23 17.72
CA GLN A 41 -9.60 9.09 17.19
C GLN A 41 -9.33 7.67 16.68
N GLU A 42 -10.39 6.90 16.44
CA GLU A 42 -10.29 5.55 15.89
C GLU A 42 -10.13 5.54 14.36
N TRP A 43 -9.20 4.73 13.85
CA TRP A 43 -9.15 4.44 12.43
C TRP A 43 -9.83 3.12 12.10
N SER A 44 -10.32 3.02 10.87
CA SER A 44 -10.81 1.74 10.39
C SER A 44 -10.67 1.70 8.87
N PHE A 45 -10.56 0.49 8.35
CA PHE A 45 -10.49 0.29 6.90
C PHE A 45 -11.90 0.13 6.34
N LEU A 46 -12.14 0.73 5.17
CA LEU A 46 -13.31 0.41 4.35
C LEU A 46 -12.91 -0.49 3.20
N PRO A 47 -13.88 -0.96 2.41
CA PRO A 47 -13.54 -1.74 1.21
C PRO A 47 -12.58 -0.97 0.31
N SER A 48 -11.54 -1.66 -0.15
CA SER A 48 -10.57 -1.07 -1.07
CA SER A 48 -10.58 -1.04 -1.05
C SER A 48 -11.21 -0.78 -2.42
N ILE A 49 -10.72 0.28 -3.08
CA ILE A 49 -11.16 0.59 -4.43
C ILE A 49 -10.62 -0.44 -5.40
N THR A 50 -11.29 -0.52 -6.55
CA THR A 50 -11.05 -1.63 -7.48
C THR A 50 -9.73 -1.49 -8.24
N ARG A 51 -9.35 -0.28 -8.63
CA ARG A 51 -8.09 0.01 -9.27
C ARG A 51 -7.22 0.83 -8.33
N LYS A 52 -5.94 0.49 -8.23
CA LYS A 52 -5.04 1.33 -7.45
C LYS A 52 -4.84 2.65 -8.19
N ARG A 53 -4.91 3.76 -7.44
CA ARG A 53 -4.85 5.09 -8.03
C ARG A 53 -4.12 6.06 -7.09
N ARG A 54 -3.14 6.75 -7.64
CA ARG A 54 -2.48 7.85 -6.98
C ARG A 54 -2.79 9.12 -7.75
N TYR A 55 -2.33 10.26 -7.26
CA TYR A 55 -2.69 11.55 -7.87
C TYR A 55 -4.21 11.67 -8.02
N VAL A 56 -4.93 11.12 -7.05
CA VAL A 56 -6.36 10.86 -7.20
C VAL A 56 -7.18 11.85 -6.38
N ALA A 57 -8.42 12.09 -6.81
CA ALA A 57 -9.35 12.98 -6.11
C ALA A 57 -10.53 12.19 -5.58
N SER A 58 -11.16 12.72 -4.52
CA SER A 58 -12.34 12.12 -3.93
C SER A 58 -13.30 13.21 -3.45
N VAL A 59 -14.60 12.93 -3.51
CA VAL A 59 -15.62 13.78 -2.91
C VAL A 59 -16.72 12.89 -2.33
N SER A 60 -17.50 13.46 -1.41
CA SER A 60 -18.67 12.80 -0.87
C SER A 60 -19.92 13.57 -1.30
N LEU A 61 -20.99 12.84 -1.58
CA LEU A 61 -22.18 13.49 -2.13
C LEU A 61 -23.36 12.57 -1.90
N HIS A 62 -24.34 13.02 -1.12
CA HIS A 62 -25.54 12.25 -0.86
C HIS A 62 -25.17 10.86 -0.33
N ASP A 63 -24.26 10.86 0.65
CA ASP A 63 -23.82 9.65 1.35
C ASP A 63 -23.25 8.59 0.40
N ARG A 64 -22.63 9.04 -0.66
CA ARG A 64 -21.87 8.19 -1.55
C ARG A 64 -20.47 8.77 -1.66
N ILE A 65 -19.47 7.89 -1.69
CA ILE A 65 -18.09 8.32 -1.85
C ILE A 65 -17.70 8.15 -3.30
N TYR A 66 -17.06 9.16 -3.87
CA TYR A 66 -16.61 9.10 -5.26
C TYR A 66 -15.09 9.21 -5.33
N VAL A 67 -14.49 8.30 -6.07
CA VAL A 67 -13.05 8.31 -6.34
C VAL A 67 -12.88 8.62 -7.81
N ILE A 68 -12.11 9.65 -8.12
CA ILE A 68 -12.16 10.33 -9.41
C ILE A 68 -10.77 10.38 -10.05
N GLY A 69 -10.65 9.81 -11.24
CA GLY A 69 -9.43 9.93 -12.03
C GLY A 69 -8.23 9.33 -11.33
N GLY A 70 -7.10 10.01 -11.46
CA GLY A 70 -5.85 9.56 -10.86
C GLY A 70 -4.96 8.85 -11.87
N TYR A 71 -4.06 8.05 -11.33
CA TYR A 71 -2.97 7.47 -12.11
C TYR A 71 -2.68 6.09 -11.56
N ASP A 72 -2.78 5.05 -12.38
CA ASP A 72 -2.61 3.72 -11.83
C ASP A 72 -1.19 3.18 -11.97
N GLY A 73 -0.21 4.02 -12.31
CA GLY A 73 1.12 3.55 -12.59
C GLY A 73 1.38 3.26 -14.04
N ARG A 74 0.33 3.24 -14.87
CA ARG A 74 0.44 3.15 -16.32
C ARG A 74 -0.18 4.35 -16.99
N SER A 75 -1.44 4.65 -16.69
CA SER A 75 -2.17 5.69 -17.38
C SER A 75 -2.74 6.68 -16.39
N ARG A 76 -2.92 7.93 -16.83
CA ARG A 76 -3.92 8.79 -16.20
C ARG A 76 -5.30 8.26 -16.51
N LEU A 77 -6.21 8.45 -15.57
CA LEU A 77 -7.53 7.82 -15.62
C LEU A 77 -8.61 8.86 -15.78
N SER A 78 -9.63 8.54 -16.60
CA SER A 78 -10.90 9.25 -16.54
C SER A 78 -11.98 8.48 -15.79
N SER A 79 -11.75 7.23 -15.43
CA SER A 79 -12.78 6.44 -14.77
C SER A 79 -13.08 6.99 -13.36
N VAL A 80 -14.25 6.58 -12.85
CA VAL A 80 -14.78 7.03 -11.55
C VAL A 80 -15.39 5.85 -10.81
N GLU A 81 -15.05 5.72 -9.53
CA GLU A 81 -15.66 4.69 -8.71
C GLU A 81 -16.48 5.34 -7.62
N CYS A 82 -17.46 4.59 -7.16
CA CYS A 82 -18.44 5.12 -6.24
C CYS A 82 -18.73 4.04 -5.23
N LEU A 83 -18.89 4.47 -3.98
CA LEU A 83 -19.23 3.59 -2.87
C LEU A 83 -20.43 4.18 -2.15
N ASP A 84 -21.51 3.41 -2.04
CA ASP A 84 -22.61 3.81 -1.19
C ASP A 84 -22.20 3.62 0.27
N TYR A 85 -22.22 4.70 1.05
CA TYR A 85 -21.82 4.64 2.46
C TYR A 85 -23.03 4.27 3.30
N THR A 86 -23.35 2.98 3.29
CA THR A 86 -24.52 2.47 3.98
C THR A 86 -24.16 2.12 5.42
N ALA A 87 -25.18 1.87 6.23
CA ALA A 87 -24.96 1.62 7.64
C ALA A 87 -24.76 0.14 7.95
N ASP A 88 -24.90 -0.74 6.96
CA ASP A 88 -24.76 -2.17 7.15
C ASP A 88 -23.38 -2.69 6.74
N GLU A 89 -22.45 -1.82 6.39
CA GLU A 89 -21.07 -2.24 6.10
C GLU A 89 -21.01 -3.26 4.98
N ASP A 90 -19.80 -3.79 4.76
CA ASP A 90 -19.52 -4.72 3.68
C ASP A 90 -20.18 -4.27 2.38
N GLY A 91 -19.73 -3.10 1.90
CA GLY A 91 -20.21 -2.55 0.65
C GLY A 91 -19.24 -2.80 -0.49
N VAL A 92 -19.64 -2.40 -1.68
CA VAL A 92 -18.86 -2.64 -2.88
C VAL A 92 -18.75 -1.36 -3.69
N TRP A 93 -17.54 -1.03 -4.10
CA TRP A 93 -17.36 0.00 -5.12
C TRP A 93 -17.96 -0.45 -6.44
N TYR A 94 -18.56 0.49 -7.15
CA TYR A 94 -19.07 0.24 -8.49
C TYR A 94 -18.64 1.39 -9.40
N SER A 95 -18.51 1.09 -10.67
CA SER A 95 -18.04 2.07 -11.65
CA SER A 95 -18.04 2.07 -11.65
C SER A 95 -19.23 2.88 -12.14
N VAL A 96 -19.01 4.19 -12.31
CA VAL A 96 -20.07 5.08 -12.81
C VAL A 96 -19.53 5.78 -14.05
N ALA A 97 -20.28 6.74 -14.55
CA ALA A 97 -19.90 7.42 -15.79
C ALA A 97 -18.50 8.02 -15.65
N PRO A 98 -17.65 7.85 -16.67
CA PRO A 98 -16.28 8.39 -16.58
C PRO A 98 -16.24 9.86 -17.00
N MET A 99 -15.18 10.53 -16.57
CA MET A 99 -15.02 11.92 -16.97
C MET A 99 -14.78 12.01 -18.46
N ASN A 100 -14.97 13.21 -19.01
CA ASN A 100 -14.72 13.48 -20.41
C ASN A 100 -13.25 13.44 -20.75
N VAL A 101 -12.38 13.54 -19.75
CA VAL A 101 -10.97 13.79 -19.93
C VAL A 101 -10.22 13.09 -18.80
N ARG A 102 -9.09 12.44 -19.12
CA ARG A 102 -8.27 11.83 -18.08
C ARG A 102 -7.60 12.90 -17.23
N ARG A 103 -7.68 12.76 -15.92
CA ARG A 103 -7.09 13.78 -15.06
C ARG A 103 -6.39 13.12 -13.89
N GLY A 104 -5.07 13.19 -13.87
CA GLY A 104 -4.33 13.04 -12.65
C GLY A 104 -4.08 14.40 -12.05
N LEU A 105 -4.10 14.48 -10.72
CA LEU A 105 -3.82 15.72 -9.99
C LEU A 105 -4.81 16.84 -10.34
N ALA A 106 -6.09 16.50 -10.41
CA ALA A 106 -7.18 17.45 -10.53
C ALA A 106 -7.65 17.89 -9.15
N GLY A 107 -8.37 19.00 -9.11
CA GLY A 107 -9.13 19.41 -7.94
C GLY A 107 -10.61 19.09 -8.14
N ALA A 108 -11.28 18.70 -7.07
CA ALA A 108 -12.68 18.32 -7.11
C ALA A 108 -13.40 18.88 -5.90
N THR A 109 -14.68 19.17 -6.06
CA THR A 109 -15.52 19.59 -4.95
C THR A 109 -16.97 19.29 -5.32
N THR A 110 -17.89 19.66 -4.43
CA THR A 110 -19.30 19.50 -4.70
C THR A 110 -20.03 20.82 -4.46
N LEU A 111 -21.08 21.02 -5.24
CA LEU A 111 -21.97 22.18 -5.13
C LEU A 111 -23.36 21.69 -5.44
N GLY A 112 -24.23 21.68 -4.44
CA GLY A 112 -25.59 21.18 -4.66
C GLY A 112 -25.58 19.68 -4.89
N ASP A 113 -26.28 19.24 -5.94
CA ASP A 113 -26.40 17.84 -6.29
C ASP A 113 -25.26 17.33 -7.20
N MET A 114 -24.16 18.06 -7.31
CA MET A 114 -23.22 17.85 -8.41
C MET A 114 -21.77 17.91 -7.96
N ILE A 115 -20.94 17.09 -8.60
CA ILE A 115 -19.49 17.11 -8.44
C ILE A 115 -18.92 18.04 -9.49
N TYR A 116 -17.95 18.84 -9.11
CA TYR A 116 -17.16 19.62 -10.06
C TYR A 116 -15.70 19.18 -9.99
N VAL A 117 -15.08 19.00 -11.15
CA VAL A 117 -13.70 18.59 -11.26
C VAL A 117 -12.98 19.46 -12.29
N SER A 118 -11.86 20.04 -11.90
CA SER A 118 -11.15 21.02 -12.70
C SER A 118 -9.67 20.65 -12.79
N GLY A 119 -9.07 20.98 -13.93
CA GLY A 119 -7.63 20.88 -14.13
C GLY A 119 -7.14 19.44 -14.24
N GLY A 120 -5.90 19.24 -13.85
CA GLY A 120 -5.30 17.92 -13.92
C GLY A 120 -4.41 17.72 -15.13
N PHE A 121 -3.99 16.48 -15.31
CA PHE A 121 -3.00 16.09 -16.31
C PHE A 121 -3.46 14.78 -16.95
N ASP A 122 -3.40 14.71 -18.27
CA ASP A 122 -3.84 13.49 -18.96
C ASP A 122 -2.68 12.61 -19.43
N GLY A 123 -1.45 12.97 -19.07
CA GLY A 123 -0.26 12.34 -19.60
C GLY A 123 0.40 13.12 -20.73
N SER A 124 -0.32 14.04 -21.36
CA SER A 124 0.19 14.89 -22.44
C SER A 124 0.13 16.36 -22.07
N ARG A 125 -1.02 16.82 -21.62
CA ARG A 125 -1.27 18.24 -21.38
C ARG A 125 -1.92 18.41 -20.02
N ARG A 126 -1.70 19.58 -19.43
CA ARG A 126 -2.51 20.02 -18.30
C ARG A 126 -3.79 20.63 -18.84
N HIS A 127 -4.87 20.50 -18.07
CA HIS A 127 -6.21 20.91 -18.50
C HIS A 127 -6.54 22.32 -18.05
N THR A 128 -7.14 23.10 -18.96
CA THR A 128 -7.88 24.29 -18.57
C THR A 128 -9.33 23.99 -18.23
N SER A 129 -9.82 22.81 -18.59
CA SER A 129 -11.24 22.54 -18.59
C SER A 129 -11.72 22.09 -17.22
N MET A 130 -12.96 22.44 -16.91
CA MET A 130 -13.61 21.82 -15.78
C MET A 130 -14.94 21.25 -16.25
N GLU A 131 -15.40 20.27 -15.49
CA GLU A 131 -16.57 19.50 -15.87
C GLU A 131 -17.28 19.10 -14.61
N ARG A 132 -18.54 18.70 -14.74
CA ARG A 132 -19.35 18.45 -13.57
C ARG A 132 -20.21 17.22 -13.81
N TYR A 133 -20.63 16.60 -12.71
CA TYR A 133 -21.30 15.31 -12.73
C TYR A 133 -22.57 15.40 -11.90
N ASP A 134 -23.66 14.88 -12.45
CA ASP A 134 -24.91 14.77 -11.71
C ASP A 134 -25.23 13.29 -11.52
N PRO A 135 -25.32 12.83 -10.28
CA PRO A 135 -25.52 11.39 -10.05
C PRO A 135 -26.90 10.90 -10.44
N ASN A 136 -27.88 11.80 -10.58
CA ASN A 136 -29.23 11.40 -10.97
C ASN A 136 -29.32 11.05 -12.45
N ILE A 137 -28.45 11.62 -13.28
CA ILE A 137 -28.38 11.28 -14.69
C ILE A 137 -27.14 10.48 -15.02
N ASP A 138 -26.20 10.37 -14.08
CA ASP A 138 -24.97 9.62 -14.26
C ASP A 138 -24.31 10.00 -15.58
N GLN A 139 -23.90 11.27 -15.66
CA GLN A 139 -23.25 11.79 -16.85
C GLN A 139 -22.40 12.99 -16.48
N TRP A 140 -21.24 13.13 -17.15
CA TRP A 140 -20.36 14.28 -16.99
C TRP A 140 -20.53 15.23 -18.16
N SER A 141 -20.48 16.53 -17.87
CA SER A 141 -20.56 17.52 -18.93
C SER A 141 -19.52 18.60 -18.69
N MET A 142 -19.05 19.20 -19.76
CA MET A 142 -17.99 20.20 -19.67
C MET A 142 -18.54 21.60 -19.41
N LEU A 143 -17.74 22.40 -18.72
CA LEU A 143 -18.02 23.81 -18.44
C LEU A 143 -16.91 24.69 -19.01
N GLY A 144 -16.84 25.94 -18.57
CA GLY A 144 -15.83 26.85 -19.10
C GLY A 144 -14.41 26.37 -18.83
N ASP A 145 -13.50 26.72 -19.74
CA ASP A 145 -12.08 26.49 -19.56
C ASP A 145 -11.49 27.58 -18.68
N MET A 146 -10.59 27.20 -17.78
CA MET A 146 -9.84 28.17 -17.02
C MET A 146 -8.87 28.93 -17.93
N GLN A 147 -8.37 30.05 -17.41
CA GLN A 147 -7.43 30.84 -18.19
C GLN A 147 -6.06 30.18 -18.27
N THR A 148 -5.62 29.52 -17.20
CA THR A 148 -4.36 28.78 -17.17
C THR A 148 -4.61 27.31 -16.90
N ALA A 149 -4.00 26.44 -17.69
CA ALA A 149 -4.03 25.01 -17.40
C ALA A 149 -3.29 24.73 -16.10
N ARG A 150 -3.83 23.82 -15.28
CA ARG A 150 -3.33 23.63 -13.93
C ARG A 150 -3.45 22.17 -13.53
N GLU A 151 -2.38 21.63 -12.97
CA GLU A 151 -2.46 20.40 -12.20
C GLU A 151 -2.08 20.74 -10.76
N GLY A 152 -2.44 19.86 -9.84
CA GLY A 152 -2.09 20.10 -8.47
C GLY A 152 -2.79 21.28 -7.85
N ALA A 153 -3.93 21.69 -8.41
CA ALA A 153 -4.69 22.87 -7.99
C ALA A 153 -5.98 22.42 -7.32
N GLY A 154 -6.15 22.75 -6.05
CA GLY A 154 -7.37 22.39 -5.34
C GLY A 154 -8.56 23.23 -5.80
N LEU A 155 -9.77 22.71 -5.54
CA LEU A 155 -11.02 23.37 -5.96
C LEU A 155 -11.92 23.55 -4.75
N VAL A 156 -12.39 24.76 -4.50
CA VAL A 156 -13.28 25.04 -3.38
C VAL A 156 -14.47 25.88 -3.85
N VAL A 157 -15.66 25.54 -3.41
CA VAL A 157 -16.84 26.35 -3.73
C VAL A 157 -17.18 27.18 -2.49
N ALA A 158 -17.37 28.49 -2.70
CA ALA A 158 -17.71 29.40 -1.60
C ALA A 158 -18.79 30.36 -2.09
N SER A 159 -19.95 30.32 -1.45
CA SER A 159 -21.03 31.23 -1.80
C SER A 159 -21.35 31.14 -3.28
N GLY A 160 -21.48 29.90 -3.78
CA GLY A 160 -21.85 29.65 -5.15
C GLY A 160 -20.78 29.88 -6.18
N VAL A 161 -19.62 30.41 -5.80
CA VAL A 161 -18.53 30.67 -6.73
C VAL A 161 -17.44 29.63 -6.50
N ILE A 162 -16.82 29.17 -7.58
CA ILE A 162 -15.81 28.12 -7.50
C ILE A 162 -14.43 28.72 -7.72
N TYR A 163 -13.47 28.28 -6.91
CA TYR A 163 -12.11 28.78 -6.95
C TYR A 163 -11.15 27.63 -7.26
N CYS A 164 -10.19 27.90 -8.12
CA CYS A 164 -9.15 26.93 -8.44
C CYS A 164 -7.82 27.64 -8.22
N LEU A 165 -7.00 27.11 -7.32
CA LEU A 165 -5.94 27.85 -6.65
C LEU A 165 -4.59 27.24 -6.98
N GLY A 166 -3.72 28.04 -7.62
CA GLY A 166 -2.32 27.65 -7.84
C GLY A 166 -2.15 26.48 -8.79
N GLY A 167 -1.21 25.61 -8.45
CA GLY A 167 -0.96 24.42 -9.25
C GLY A 167 0.28 24.54 -10.09
N TYR A 168 0.29 23.82 -11.20
CA TYR A 168 1.46 23.68 -12.06
C TYR A 168 0.97 23.61 -13.50
N ASP A 169 1.42 24.52 -14.35
CA ASP A 169 0.97 24.52 -15.71
C ASP A 169 1.85 23.67 -16.62
N GLY A 170 2.84 22.97 -16.06
CA GLY A 170 3.80 22.22 -16.83
C GLY A 170 5.11 22.94 -17.02
N LEU A 171 5.16 24.21 -16.66
CA LEU A 171 6.37 25.01 -16.74
C LEU A 171 6.65 25.69 -15.41
N ASN A 172 5.65 26.38 -14.86
CA ASN A 172 5.77 27.13 -13.61
C ASN A 172 4.82 26.62 -12.54
N ILE A 173 5.29 26.61 -11.29
CA ILE A 173 4.37 26.56 -10.17
C ILE A 173 3.64 27.89 -10.08
N LEU A 174 2.37 27.85 -9.72
CA LEU A 174 1.50 29.01 -9.87
C LEU A 174 1.09 29.58 -8.52
N ASN A 175 1.12 30.91 -8.39
CA ASN A 175 0.43 31.55 -7.29
C ASN A 175 -0.92 32.14 -7.72
N SER A 176 -1.22 32.09 -9.01
CA SER A 176 -2.46 32.68 -9.50
C SER A 176 -3.66 31.86 -9.01
N VAL A 177 -4.80 32.53 -8.85
CA VAL A 177 -6.04 31.92 -8.40
C VAL A 177 -7.17 32.34 -9.33
N GLU A 178 -8.01 31.41 -9.70
CA GLU A 178 -9.10 31.69 -10.64
C GLU A 178 -10.44 31.43 -9.99
N LYS A 179 -11.43 32.24 -10.34
CA LYS A 179 -12.78 32.05 -9.84
C LYS A 179 -13.75 31.88 -11.01
N TYR A 180 -14.78 31.09 -10.77
CA TYR A 180 -15.73 30.66 -11.78
C TYR A 180 -17.08 31.30 -11.45
N ASP A 181 -17.58 32.14 -12.34
CA ASP A 181 -18.78 32.93 -12.05
C ASP A 181 -19.99 32.27 -12.70
N PRO A 182 -20.94 31.75 -11.92
CA PRO A 182 -22.08 31.05 -12.53
C PRO A 182 -22.97 31.96 -13.35
N HIS A 183 -22.89 33.27 -13.15
CA HIS A 183 -23.68 34.18 -13.97
C HIS A 183 -23.17 34.20 -15.40
N THR A 184 -21.86 34.04 -15.56
CA THR A 184 -21.21 34.20 -16.84
C THR A 184 -20.64 32.90 -17.36
N GLY A 185 -20.44 31.90 -16.50
CA GLY A 185 -19.80 30.68 -16.91
C GLY A 185 -18.35 30.83 -17.32
N HIS A 186 -17.72 31.95 -16.96
CA HIS A 186 -16.33 32.25 -17.27
C HIS A 186 -15.49 32.35 -16.00
N TRP A 187 -14.20 32.09 -16.17
CA TRP A 187 -13.21 32.19 -15.12
C TRP A 187 -12.53 33.55 -15.19
N THR A 188 -12.23 34.13 -14.04
CA THR A 188 -11.35 35.27 -14.02
C THR A 188 -10.42 35.15 -12.83
N ASN A 189 -9.37 35.97 -12.84
CA ASN A 189 -8.41 35.91 -11.77
C ASN A 189 -8.88 36.70 -10.57
N VAL A 190 -8.45 36.23 -9.40
CA VAL A 190 -8.56 37.02 -8.18
C VAL A 190 -7.14 37.27 -7.71
N THR A 191 -7.01 37.97 -6.60
CA THR A 191 -5.69 38.23 -6.04
C THR A 191 -4.92 36.91 -5.86
N PRO A 192 -3.67 36.84 -6.30
CA PRO A 192 -2.91 35.58 -6.21
C PRO A 192 -2.41 35.34 -4.79
N MET A 193 -1.93 34.11 -4.56
CA MET A 193 -1.37 33.85 -3.25
C MET A 193 0.03 34.50 -3.11
N ALA A 194 0.52 34.55 -1.87
CA ALA A 194 1.85 35.09 -1.64
C ALA A 194 2.92 34.11 -2.11
N THR A 195 2.72 32.82 -1.87
CA THR A 195 3.64 31.78 -2.33
C THR A 195 3.01 31.00 -3.47
N LYS A 196 3.82 30.59 -4.43
CA LYS A 196 3.30 29.69 -5.43
C LYS A 196 3.37 28.27 -4.90
N ARG A 197 2.29 27.52 -5.10
CA ARG A 197 2.21 26.18 -4.55
C ARG A 197 1.55 25.24 -5.55
N SER A 198 2.10 24.05 -5.66
CA SER A 198 1.38 22.96 -6.28
C SER A 198 1.30 21.83 -5.26
N GLY A 199 0.20 21.08 -5.30
CA GLY A 199 0.00 20.00 -4.34
C GLY A 199 -0.28 20.43 -2.92
N ALA A 200 -0.74 21.68 -2.72
CA ALA A 200 -1.19 22.14 -1.41
C ALA A 200 -2.61 21.68 -1.15
N GLY A 201 -2.94 21.51 0.14
CA GLY A 201 -4.31 21.22 0.52
C GLY A 201 -5.14 22.50 0.59
N VAL A 202 -6.41 22.38 0.23
CA VAL A 202 -7.31 23.53 0.21
C VAL A 202 -8.61 23.19 0.93
N ALA A 203 -9.18 24.18 1.63
CA ALA A 203 -10.49 23.97 2.22
C ALA A 203 -11.08 25.28 2.69
N LEU A 204 -12.41 25.33 2.73
CA LEU A 204 -13.11 26.50 3.20
C LEU A 204 -13.44 26.36 4.68
N LEU A 205 -13.08 27.37 5.44
CA LEU A 205 -13.42 27.42 6.86
C LEU A 205 -13.74 28.87 7.20
N ASN A 206 -14.91 29.13 7.78
CA ASN A 206 -15.32 30.47 8.22
C ASN A 206 -15.03 31.53 7.15
N ASP A 207 -15.62 31.37 5.98
CA ASP A 207 -15.50 32.36 4.92
C ASP A 207 -14.05 32.60 4.47
N HIS A 208 -13.10 31.74 4.86
CA HIS A 208 -11.73 31.84 4.39
C HIS A 208 -11.36 30.59 3.61
N ILE A 209 -10.57 30.73 2.57
CA ILE A 209 -10.01 29.59 1.88
C ILE A 209 -8.58 29.40 2.39
N TYR A 210 -8.36 28.33 3.13
CA TYR A 210 -7.01 28.01 3.58
C TYR A 210 -6.28 27.16 2.55
N VAL A 211 -5.01 27.48 2.33
CA VAL A 211 -4.14 26.68 1.49
C VAL A 211 -2.98 26.23 2.35
N VAL A 212 -2.79 24.92 2.47
CA VAL A 212 -1.82 24.36 3.41
C VAL A 212 -0.72 23.62 2.63
N GLY A 213 0.52 24.01 2.86
CA GLY A 213 1.65 23.25 2.34
C GLY A 213 1.82 23.34 0.83
N GLY A 214 2.21 22.23 0.23
CA GLY A 214 2.56 22.17 -1.17
C GLY A 214 4.07 22.22 -1.41
N PHE A 215 4.40 22.56 -2.65
CA PHE A 215 5.76 22.64 -3.15
C PHE A 215 5.84 23.89 -4.01
N ASP A 216 6.89 24.69 -3.82
CA ASP A 216 6.99 25.99 -4.46
C ASP A 216 7.98 26.01 -5.61
N GLY A 217 8.44 24.86 -6.05
CA GLY A 217 9.44 24.79 -7.08
C GLY A 217 10.83 24.52 -6.57
N THR A 218 11.05 24.68 -5.28
CA THR A 218 12.31 24.25 -4.69
C THR A 218 12.16 23.68 -3.29
N ALA A 219 11.14 24.04 -2.54
CA ALA A 219 10.99 23.52 -1.18
C ALA A 219 9.60 22.95 -0.98
N HIS A 220 9.54 21.82 -0.28
CA HIS A 220 8.30 21.37 0.32
C HIS A 220 7.91 22.30 1.47
N LEU A 221 6.65 22.68 1.51
CA LEU A 221 6.19 23.80 2.32
C LEU A 221 5.43 23.32 3.54
N SER A 222 5.73 23.95 4.67
CA SER A 222 4.91 23.88 5.87
C SER A 222 4.00 25.08 6.01
N SER A 223 4.18 26.10 5.18
CA SER A 223 3.47 27.36 5.37
C SER A 223 2.00 27.25 4.96
N VAL A 224 1.21 28.18 5.46
CA VAL A 224 -0.24 28.22 5.26
C VAL A 224 -0.64 29.66 5.03
N GLU A 225 -1.54 29.90 4.05
CA GLU A 225 -2.16 31.20 3.88
C GLU A 225 -3.68 31.01 3.75
N ALA A 226 -4.40 32.09 4.03
CA ALA A 226 -5.86 32.10 4.06
C ALA A 226 -6.37 33.27 3.23
N TYR A 227 -7.30 32.98 2.34
CA TYR A 227 -7.86 33.99 1.45
C TYR A 227 -9.18 34.46 2.04
N ASN A 228 -9.26 35.75 2.33
CA ASN A 228 -10.49 36.33 2.87
C ASN A 228 -11.38 36.64 1.66
N ILE A 229 -12.47 35.90 1.52
CA ILE A 229 -13.28 36.05 0.32
C ILE A 229 -14.02 37.37 0.33
N ARG A 230 -14.33 37.89 1.52
CA ARG A 230 -15.02 39.16 1.67
C ARG A 230 -14.14 40.38 1.37
N THR A 231 -12.82 40.21 1.33
CA THR A 231 -11.92 41.34 1.12
C THR A 231 -10.91 41.09 0.02
N ASP A 232 -11.04 39.98 -0.71
CA ASP A 232 -10.17 39.58 -1.81
C ASP A 232 -8.70 39.73 -1.44
N SER A 233 -8.35 39.32 -0.21
CA SER A 233 -6.99 39.51 0.27
C SER A 233 -6.52 38.27 1.01
N TRP A 234 -5.20 38.09 1.04
CA TRP A 234 -4.55 36.93 1.64
C TRP A 234 -3.75 37.33 2.88
N THR A 235 -3.78 36.49 3.91
CA THR A 235 -2.86 36.66 5.03
C THR A 235 -2.18 35.34 5.39
N THR A 236 -1.08 35.47 6.15
CA THR A 236 -0.30 34.34 6.62
C THR A 236 -0.96 33.71 7.85
N VAL A 237 -1.00 32.39 7.87
CA VAL A 237 -1.55 31.62 8.98
C VAL A 237 -0.42 30.82 9.59
N THR A 238 -0.57 30.50 10.89
CA THR A 238 0.42 29.66 11.57
C THR A 238 0.82 28.48 10.70
N SER A 239 2.14 28.22 10.66
CA SER A 239 2.70 27.14 9.85
C SER A 239 2.37 25.76 10.43
N MET A 240 2.38 24.77 9.55
CA MET A 240 2.04 23.42 9.98
C MET A 240 3.24 22.88 10.78
N THR A 241 3.04 21.73 11.44
CA THR A 241 4.15 21.17 12.22
C THR A 241 5.25 20.58 11.36
N THR A 242 4.97 20.21 10.11
CA THR A 242 5.92 19.64 9.18
C THR A 242 5.53 20.06 7.77
N PRO A 243 6.48 20.14 6.84
CA PRO A 243 6.11 20.33 5.44
C PRO A 243 5.28 19.14 4.96
N ARG A 244 4.32 19.43 4.09
CA ARG A 244 3.45 18.39 3.54
C ARG A 244 3.12 18.75 2.10
N CYS A 245 3.54 17.92 1.16
CA CYS A 245 3.23 18.12 -0.25
C CYS A 245 2.30 16.99 -0.69
N TYR A 246 1.48 17.28 -1.69
CA TYR A 246 0.40 16.38 -2.09
C TYR A 246 -0.39 15.92 -0.87
N VAL A 247 -0.88 16.93 -0.16
CA VAL A 247 -1.61 16.78 1.08
C VAL A 247 -3.05 17.16 0.81
N GLY A 248 -3.97 16.34 1.27
CA GLY A 248 -5.38 16.69 1.22
C GLY A 248 -5.75 17.48 2.47
N ALA A 249 -6.74 18.35 2.33
CA ALA A 249 -7.22 19.14 3.43
C ALA A 249 -8.74 19.10 3.46
N THR A 250 -9.30 18.93 4.65
CA THR A 250 -10.75 19.01 4.77
C THR A 250 -11.12 19.64 6.11
N VAL A 251 -12.36 20.14 6.19
CA VAL A 251 -12.87 20.77 7.40
C VAL A 251 -13.91 19.86 8.03
N LEU A 252 -13.97 19.89 9.34
CA LEU A 252 -14.80 18.96 10.09
C LEU A 252 -15.10 19.56 11.46
N ARG A 253 -16.37 19.74 11.76
CA ARG A 253 -16.85 20.42 12.97
C ARG A 253 -15.96 21.62 13.32
N GLY A 254 -15.72 22.49 12.35
CA GLY A 254 -15.10 23.77 12.65
C GLY A 254 -13.58 23.82 12.62
N ARG A 255 -12.89 22.68 12.49
CA ARG A 255 -11.43 22.68 12.41
C ARG A 255 -10.95 22.11 11.09
N LEU A 256 -9.77 22.54 10.71
CA LEU A 256 -9.14 22.23 9.44
C LEU A 256 -8.12 21.12 9.66
N TYR A 257 -8.16 20.12 8.80
CA TYR A 257 -7.28 18.97 8.90
C TYR A 257 -6.37 18.89 7.68
N ALA A 258 -5.07 18.76 7.92
CA ALA A 258 -4.12 18.46 6.87
C ALA A 258 -3.75 16.98 6.98
N ILE A 259 -3.89 16.23 5.87
CA ILE A 259 -3.95 14.77 5.91
C ILE A 259 -2.74 14.17 5.19
N ALA A 260 -1.93 13.42 5.95
CA ALA A 260 -0.73 12.75 5.43
C ALA A 260 0.09 13.66 4.51
N GLY A 261 0.52 13.12 3.39
CA GLY A 261 1.37 13.85 2.47
C GLY A 261 2.81 13.39 2.51
N TYR A 262 3.64 14.17 1.82
CA TYR A 262 5.06 13.93 1.62
C TYR A 262 5.82 15.13 2.15
N ASP A 263 6.75 14.91 3.06
CA ASP A 263 7.44 16.02 3.71
C ASP A 263 8.70 16.41 2.97
N GLY A 264 8.92 15.86 1.77
CA GLY A 264 10.15 16.04 1.03
C GLY A 264 11.15 14.92 1.19
N ASN A 265 10.91 13.98 2.10
CA ASN A 265 11.84 12.93 2.45
C ASN A 265 11.09 11.66 2.76
N SER A 266 9.95 11.77 3.43
CA SER A 266 9.18 10.64 3.91
C SER A 266 7.70 10.82 3.60
N LEU A 267 7.02 9.70 3.37
CA LEU A 267 5.55 9.74 3.37
C LEU A 267 5.07 9.80 4.81
N LEU A 268 4.00 10.55 5.04
CA LEU A 268 3.52 10.78 6.40
C LEU A 268 2.29 9.92 6.66
N SER A 269 2.19 9.40 7.88
CA SER A 269 0.96 8.76 8.34
C SER A 269 0.12 9.66 9.26
N SER A 270 0.45 10.94 9.39
CA SER A 270 -0.22 11.70 10.44
C SER A 270 -1.23 12.69 9.88
N ILE A 271 -2.10 13.14 10.77
CA ILE A 271 -3.09 14.21 10.47
C ILE A 271 -2.89 15.29 11.53
N GLU A 272 -2.66 16.53 11.09
CA GLU A 272 -2.57 17.64 12.07
C GLU A 272 -3.82 18.50 11.91
N CYS A 273 -4.29 19.06 13.01
CA CYS A 273 -5.55 19.80 13.00
C CYS A 273 -5.36 21.26 13.37
N TYR A 274 -5.82 22.17 12.51
CA TYR A 274 -5.77 23.62 12.79
C TYR A 274 -7.07 24.05 13.46
N ASP A 275 -6.95 24.39 14.73
CA ASP A 275 -8.06 24.85 15.55
C ASP A 275 -8.00 26.36 15.63
N PRO A 276 -8.92 27.09 14.99
CA PRO A 276 -8.81 28.57 14.99
C PRO A 276 -8.99 29.17 16.38
N ILE A 277 -9.62 28.44 17.31
CA ILE A 277 -9.69 28.88 18.70
C ILE A 277 -8.29 29.04 19.27
N ILE A 278 -7.39 28.10 18.97
CA ILE A 278 -6.01 28.23 19.43
C ILE A 278 -5.08 28.82 18.36
N ASP A 279 -5.57 28.99 17.13
CA ASP A 279 -4.77 29.54 16.02
C ASP A 279 -3.43 28.79 15.88
N SER A 280 -3.48 27.47 15.94
CA SER A 280 -2.26 26.69 15.80
C SER A 280 -2.62 25.27 15.43
N TRP A 281 -1.58 24.52 15.04
CA TRP A 281 -1.72 23.15 14.54
C TRP A 281 -1.32 22.12 15.58
N GLU A 282 -2.15 21.09 15.73
CA GLU A 282 -1.88 19.97 16.63
C GLU A 282 -1.91 18.69 15.82
N VAL A 283 -0.85 17.88 15.90
CA VAL A 283 -0.95 16.54 15.36
C VAL A 283 -1.92 15.74 16.22
N VAL A 284 -2.93 15.17 15.59
CA VAL A 284 -3.98 14.51 16.36
C VAL A 284 -3.98 12.99 16.16
N THR A 285 -3.36 12.49 15.09
CA THR A 285 -3.19 11.06 14.90
C THR A 285 -1.97 10.81 14.02
N SER A 286 -1.26 9.71 14.32
CA SER A 286 -0.13 9.22 13.53
C SER A 286 -0.39 7.84 12.95
N MET A 287 -1.59 7.30 13.09
CA MET A 287 -1.82 5.88 12.83
C MET A 287 -2.49 5.59 11.49
N GLY A 288 -2.53 6.54 10.57
CA GLY A 288 -2.99 6.24 9.24
C GLY A 288 -1.95 5.48 8.42
N THR A 289 -2.39 5.06 7.23
CA THR A 289 -1.44 4.56 6.23
C THR A 289 -0.53 5.71 5.78
N GLN A 290 0.77 5.42 5.57
CA GLN A 290 1.68 6.43 5.01
C GLN A 290 1.38 6.64 3.53
N ARG A 291 1.07 7.87 3.12
CA ARG A 291 0.75 8.06 1.70
C ARG A 291 0.74 9.54 1.33
N CYS A 292 0.79 9.81 0.01
CA CYS A 292 0.59 11.16 -0.51
C CYS A 292 -0.23 11.12 -1.81
N ASP A 293 -0.62 12.30 -2.30
CA ASP A 293 -1.63 12.48 -3.35
C ASP A 293 -2.77 11.47 -3.24
N ALA A 294 -3.31 11.34 -2.02
CA ALA A 294 -4.55 10.59 -1.84
C ALA A 294 -5.76 11.53 -1.91
N GLY A 295 -6.93 10.94 -2.13
CA GLY A 295 -8.18 11.68 -2.07
C GLY A 295 -8.74 11.69 -0.66
N VAL A 296 -9.29 12.83 -0.25
CA VAL A 296 -9.87 12.95 1.08
C VAL A 296 -11.26 13.59 0.93
N CYS A 297 -12.17 13.20 1.82
CA CYS A 297 -13.51 13.80 1.87
C CYS A 297 -14.13 13.48 3.22
N VAL A 298 -15.30 14.08 3.48
CA VAL A 298 -15.95 13.99 4.78
C VAL A 298 -17.30 13.31 4.63
N LEU A 299 -17.58 12.39 5.54
CA LEU A 299 -18.85 11.67 5.56
C LEU A 299 -19.53 11.89 6.89
N ARG A 300 -20.85 11.79 6.88
CA ARG A 300 -21.62 11.80 8.11
C ARG A 300 -22.05 10.38 8.42
N GLU A 301 -22.08 10.03 9.71
CA GLU A 301 -22.55 8.71 10.12
C GLU A 301 -23.34 8.73 11.44
N ASN B 14 12.82 -2.49 -12.37
CA ASN B 14 13.52 -3.74 -12.60
C ASN B 14 13.66 -4.49 -11.28
N GLU B 15 12.89 -5.56 -11.11
CA GLU B 15 12.87 -6.36 -9.91
C GLU B 15 13.82 -7.57 -10.05
N VAL B 16 14.33 -8.04 -8.92
CA VAL B 16 15.20 -9.21 -8.88
C VAL B 16 14.81 -10.10 -7.72
N LEU B 17 14.99 -11.40 -7.95
CA LEU B 17 14.67 -12.43 -6.97
C LEU B 17 15.92 -12.80 -6.20
N LEU B 18 15.81 -12.86 -4.87
CA LEU B 18 16.85 -13.38 -4.01
C LEU B 18 16.33 -14.62 -3.32
N VAL B 19 17.19 -15.62 -3.18
CA VAL B 19 16.83 -16.90 -2.57
C VAL B 19 17.86 -17.13 -1.47
N VAL B 20 17.41 -17.16 -0.22
CA VAL B 20 18.30 -17.05 0.94
C VAL B 20 18.21 -18.32 1.77
N GLY B 21 19.36 -18.97 2.00
CA GLY B 21 19.42 -20.08 2.94
C GLY B 21 18.60 -21.30 2.52
N GLY B 22 18.07 -21.99 3.51
CA GLY B 22 17.23 -23.14 3.32
C GLY B 22 17.93 -24.44 3.69
N PHE B 23 17.35 -25.53 3.21
CA PHE B 23 17.88 -26.88 3.37
C PHE B 23 18.42 -27.30 2.01
N GLY B 24 19.72 -27.62 1.94
CA GLY B 24 20.39 -27.86 0.69
C GLY B 24 20.71 -29.32 0.43
N SER B 25 21.27 -29.54 -0.76
CA SER B 25 21.57 -30.91 -1.22
C SER B 25 22.58 -31.62 -0.33
N GLN B 26 23.43 -30.91 0.39
CA GLN B 26 24.25 -31.62 1.34
C GLN B 26 23.48 -32.02 2.58
N GLN B 27 22.17 -31.81 2.58
N GLN B 27 22.17 -31.79 2.60
CA GLN B 27 21.29 -32.17 3.69
CA GLN B 27 21.32 -32.20 3.71
C GLN B 27 21.71 -31.47 4.98
C GLN B 27 21.69 -31.46 4.99
N SER B 28 22.06 -30.20 4.85
CA SER B 28 22.37 -29.34 5.98
C SER B 28 21.76 -27.98 5.69
N PRO B 29 21.56 -27.16 6.73
CA PRO B 29 21.20 -25.76 6.49
C PRO B 29 22.35 -25.03 5.81
N ILE B 30 22.01 -24.06 4.98
CA ILE B 30 23.00 -23.37 4.15
C ILE B 30 22.88 -21.87 4.39
N ASP B 31 23.89 -21.15 3.90
CA ASP B 31 23.96 -19.71 4.05
C ASP B 31 23.98 -19.00 2.71
N VAL B 32 23.68 -19.71 1.63
CA VAL B 32 23.88 -19.22 0.28
C VAL B 32 22.81 -18.19 -0.09
N VAL B 33 23.24 -17.12 -0.76
CA VAL B 33 22.35 -16.15 -1.35
C VAL B 33 22.59 -16.14 -2.85
N GLU B 34 21.51 -16.35 -3.61
CA GLU B 34 21.50 -16.25 -5.07
C GLU B 34 20.48 -15.21 -5.52
N LYS B 35 20.80 -14.56 -6.62
CA LYS B 35 20.03 -13.47 -7.18
C LYS B 35 19.74 -13.83 -8.62
N TYR B 36 18.51 -13.56 -9.07
CA TYR B 36 18.04 -13.90 -10.40
C TYR B 36 17.43 -12.65 -11.03
N ASP B 37 17.95 -12.24 -12.19
CA ASP B 37 17.39 -11.15 -12.96
C ASP B 37 16.45 -11.69 -14.04
N PRO B 38 15.14 -11.42 -13.97
CA PRO B 38 14.21 -12.08 -14.90
C PRO B 38 14.34 -11.57 -16.32
N LYS B 39 14.71 -10.30 -16.52
CA LYS B 39 14.96 -9.81 -17.87
C LYS B 39 16.01 -10.68 -18.56
N THR B 40 17.22 -10.74 -17.99
CA THR B 40 18.33 -11.45 -18.60
C THR B 40 18.33 -12.95 -18.30
N GLN B 41 17.60 -13.39 -17.28
CA GLN B 41 17.61 -14.78 -16.85
C GLN B 41 18.98 -15.19 -16.30
N GLU B 42 19.81 -14.21 -15.89
CA GLU B 42 21.13 -14.47 -15.33
C GLU B 42 21.03 -14.77 -13.84
N TRP B 43 21.81 -15.74 -13.38
CA TRP B 43 21.97 -16.01 -11.97
C TRP B 43 23.30 -15.46 -11.45
N SER B 44 23.29 -15.09 -10.19
CA SER B 44 24.44 -14.54 -9.51
C SER B 44 24.42 -15.04 -8.07
N PHE B 45 25.61 -15.16 -7.47
CA PHE B 45 25.72 -15.39 -6.02
C PHE B 45 25.91 -14.05 -5.34
N LEU B 46 25.25 -13.86 -4.20
CA LEU B 46 25.58 -12.76 -3.31
C LEU B 46 26.30 -13.28 -2.07
N PRO B 47 26.90 -12.39 -1.30
CA PRO B 47 27.59 -12.84 -0.08
C PRO B 47 26.62 -13.62 0.80
N SER B 48 27.10 -14.76 1.30
CA SER B 48 26.29 -15.61 2.16
C SER B 48 25.95 -14.89 3.44
N ILE B 49 24.89 -15.35 4.10
CA ILE B 49 24.51 -14.74 5.37
C ILE B 49 25.51 -15.22 6.40
N THR B 50 25.50 -14.63 7.60
CA THR B 50 26.49 -15.00 8.61
C THR B 50 26.15 -16.30 9.33
N ARG B 51 25.05 -16.97 8.99
CA ARG B 51 24.64 -18.15 9.73
C ARG B 51 23.85 -19.09 8.83
N LYS B 52 24.18 -20.38 8.90
CA LYS B 52 23.41 -21.44 8.23
C LYS B 52 21.97 -21.48 8.74
N ARG B 53 20.99 -21.10 7.93
CA ARG B 53 19.59 -21.07 8.36
C ARG B 53 18.71 -21.83 7.37
N ARG B 54 18.08 -22.91 7.85
CA ARG B 54 16.95 -23.49 7.16
C ARG B 54 15.67 -23.08 7.89
N TYR B 55 14.54 -23.62 7.49
CA TYR B 55 13.25 -23.23 8.05
C TYR B 55 13.12 -21.72 8.24
N VAL B 56 13.54 -20.95 7.23
CA VAL B 56 13.85 -19.54 7.38
C VAL B 56 12.92 -18.69 6.50
N ALA B 57 12.74 -17.45 6.91
CA ALA B 57 11.94 -16.49 6.15
C ALA B 57 12.78 -15.26 5.84
N SER B 58 12.48 -14.60 4.73
CA SER B 58 13.20 -13.42 4.27
C SER B 58 12.24 -12.38 3.72
N VAL B 59 12.37 -11.14 4.17
CA VAL B 59 11.56 -10.05 3.64
C VAL B 59 12.47 -8.91 3.22
N SER B 60 12.13 -8.24 2.12
CA SER B 60 12.85 -7.04 1.73
C SER B 60 12.02 -5.83 2.12
N LEU B 61 12.66 -4.83 2.70
CA LEU B 61 11.96 -3.63 3.13
C LEU B 61 12.80 -2.46 2.65
N HIS B 62 12.32 -1.77 1.61
CA HIS B 62 13.07 -0.67 1.03
C HIS B 62 14.50 -1.11 0.71
N ASP B 63 14.60 -2.24 0.01
CA ASP B 63 15.86 -2.81 -0.48
C ASP B 63 16.83 -3.16 0.64
N ARG B 64 16.32 -3.37 1.83
CA ARG B 64 17.06 -4.05 2.89
C ARG B 64 16.37 -5.39 3.13
N ILE B 65 17.14 -6.46 3.10
CA ILE B 65 16.66 -7.82 3.35
C ILE B 65 16.93 -8.23 4.78
N TYR B 66 15.87 -8.67 5.44
CA TYR B 66 15.88 -9.19 6.80
C TYR B 66 15.68 -10.71 6.72
N VAL B 67 16.71 -11.45 7.14
CA VAL B 67 16.70 -12.91 7.23
C VAL B 67 16.29 -13.26 8.66
N ILE B 68 15.25 -14.08 8.81
CA ILE B 68 14.50 -14.11 10.07
C ILE B 68 14.42 -15.52 10.63
N GLY B 69 14.97 -15.70 11.82
CA GLY B 69 14.80 -16.97 12.51
C GLY B 69 15.37 -18.13 11.73
N GLY B 70 14.68 -19.27 11.82
CA GLY B 70 15.08 -20.44 11.07
C GLY B 70 15.63 -21.52 11.98
N TYR B 71 16.58 -22.29 11.48
CA TYR B 71 17.07 -23.46 12.21
C TYR B 71 18.45 -23.78 11.66
N ASP B 72 19.49 -23.78 12.51
CA ASP B 72 20.86 -24.00 12.07
C ASP B 72 21.28 -25.46 12.11
N GLY B 73 20.36 -26.37 12.35
CA GLY B 73 20.69 -27.74 12.68
C GLY B 73 20.86 -28.01 14.16
N ARG B 74 21.20 -27.01 14.95
CA ARG B 74 21.34 -27.14 16.40
C ARG B 74 20.08 -26.68 17.12
N SER B 75 19.74 -25.38 17.03
CA SER B 75 18.55 -24.86 17.67
C SER B 75 17.75 -24.04 16.68
N ARG B 76 16.47 -23.85 17.03
CA ARG B 76 15.71 -22.76 16.43
C ARG B 76 16.36 -21.44 16.80
N LEU B 77 16.18 -20.47 15.92
CA LEU B 77 16.84 -19.18 16.00
C LEU B 77 15.80 -18.09 16.22
N SER B 78 16.12 -17.16 17.12
CA SER B 78 15.43 -15.89 17.19
C SER B 78 16.24 -14.76 16.56
N SER B 79 17.47 -15.05 16.17
CA SER B 79 18.34 -14.01 15.60
CA SER B 79 18.35 -14.03 15.60
C SER B 79 17.89 -13.61 14.20
N VAL B 80 18.20 -12.38 13.85
CA VAL B 80 17.83 -11.79 12.58
C VAL B 80 19.06 -11.12 12.03
N GLU B 81 19.30 -11.25 10.72
CA GLU B 81 20.35 -10.49 10.05
C GLU B 81 19.75 -9.63 8.95
N CYS B 82 20.42 -8.51 8.69
CA CYS B 82 19.97 -7.56 7.71
C CYS B 82 21.04 -7.43 6.64
N LEU B 83 20.61 -7.30 5.39
CA LEU B 83 21.50 -7.15 4.25
C LEU B 83 21.03 -5.93 3.49
N ASP B 84 21.86 -4.89 3.44
CA ASP B 84 21.44 -3.59 2.91
C ASP B 84 21.96 -3.43 1.48
N TYR B 85 21.06 -3.60 0.52
CA TYR B 85 21.37 -3.39 -0.89
C TYR B 85 20.79 -2.11 -1.45
N THR B 86 20.44 -1.14 -0.60
N THR B 86 20.42 -1.14 -0.59
CA THR B 86 19.93 0.12 -1.10
CA THR B 86 19.91 0.12 -1.11
C THR B 86 20.99 0.87 -1.87
C THR B 86 20.99 0.91 -1.83
N ALA B 87 22.27 0.64 -1.57
CA ALA B 87 23.34 1.40 -2.21
C ALA B 87 24.46 0.51 -2.73
N ASP B 88 24.92 -0.43 -1.91
CA ASP B 88 26.03 -1.33 -2.28
C ASP B 88 25.53 -2.50 -3.11
N GLU B 89 26.03 -2.62 -4.34
CA GLU B 89 25.57 -3.69 -5.25
C GLU B 89 25.64 -5.06 -4.57
N ASP B 90 26.63 -5.26 -3.71
CA ASP B 90 26.83 -6.52 -3.00
C ASP B 90 26.25 -6.49 -1.60
N GLY B 91 25.72 -5.36 -1.16
CA GLY B 91 25.07 -5.28 0.13
C GLY B 91 26.02 -5.01 1.28
N VAL B 92 25.54 -4.24 2.25
CA VAL B 92 26.25 -3.99 3.49
C VAL B 92 25.51 -4.74 4.60
N TRP B 93 26.23 -5.57 5.34
CA TRP B 93 25.61 -6.41 6.35
C TRP B 93 25.40 -5.66 7.67
N TYR B 94 24.25 -5.86 8.29
CA TYR B 94 23.91 -5.22 9.55
C TYR B 94 23.35 -6.27 10.50
N SER B 95 23.72 -6.14 11.77
CA SER B 95 23.07 -6.91 12.81
C SER B 95 21.71 -6.30 13.12
N VAL B 96 20.83 -7.13 13.66
CA VAL B 96 19.47 -6.72 13.97
C VAL B 96 19.14 -7.28 15.34
N ALA B 97 18.40 -6.51 16.12
CA ALA B 97 17.96 -7.07 17.39
C ALA B 97 17.31 -8.44 17.14
N PRO B 98 17.46 -9.36 18.08
CA PRO B 98 16.78 -10.65 17.98
C PRO B 98 15.31 -10.55 18.36
N MET B 99 14.59 -11.56 17.93
CA MET B 99 13.17 -11.71 18.18
C MET B 99 12.95 -12.10 19.63
N ASN B 100 11.77 -11.76 20.15
CA ASN B 100 11.38 -12.21 21.47
C ASN B 100 11.28 -13.71 21.54
N VAL B 101 11.13 -14.35 20.40
CA VAL B 101 10.85 -15.77 20.32
C VAL B 101 11.74 -16.44 19.29
N ARG B 102 12.26 -17.62 19.61
CA ARG B 102 12.85 -18.46 18.59
C ARG B 102 11.75 -18.92 17.64
N ARG B 103 11.96 -18.74 16.33
CA ARG B 103 10.97 -19.17 15.35
C ARG B 103 11.62 -19.86 14.17
N GLY B 104 11.22 -21.09 13.89
CA GLY B 104 11.50 -21.74 12.62
C GLY B 104 10.19 -21.97 11.87
N LEU B 105 10.23 -21.78 10.56
CA LEU B 105 9.02 -21.94 9.75
C LEU B 105 7.94 -20.91 10.12
N ALA B 106 8.36 -19.71 10.45
CA ALA B 106 7.41 -18.65 10.76
C ALA B 106 6.97 -17.94 9.48
N GLY B 107 5.95 -17.10 9.62
CA GLY B 107 5.47 -16.28 8.52
C GLY B 107 5.99 -14.88 8.72
N ALA B 108 6.28 -14.20 7.62
CA ALA B 108 6.92 -12.90 7.74
C ALA B 108 6.48 -12.01 6.59
N THR B 109 6.28 -10.72 6.88
CA THR B 109 5.95 -9.76 5.85
C THR B 109 6.38 -8.38 6.34
N THR B 110 6.23 -7.39 5.47
CA THR B 110 6.45 -6.00 5.87
C THR B 110 5.15 -5.24 5.73
N LEU B 111 4.93 -4.31 6.65
CA LEU B 111 3.76 -3.45 6.61
C LEU B 111 4.16 -2.09 7.14
N GLY B 112 3.83 -1.06 6.38
CA GLY B 112 4.44 0.24 6.64
C GLY B 112 5.95 0.10 6.52
N ASP B 113 6.65 0.66 7.49
CA ASP B 113 8.10 0.57 7.58
C ASP B 113 8.53 -0.47 8.62
N MET B 114 7.69 -1.47 8.90
CA MET B 114 7.96 -2.42 9.96
C MET B 114 7.84 -3.84 9.45
N ILE B 115 8.50 -4.76 10.15
CA ILE B 115 8.46 -6.16 9.79
C ILE B 115 7.54 -6.89 10.75
N TYR B 116 6.76 -7.82 10.22
CA TYR B 116 5.78 -8.54 11.01
C TYR B 116 6.08 -10.02 10.84
N VAL B 117 6.12 -10.73 11.95
CA VAL B 117 6.44 -12.15 11.92
C VAL B 117 5.52 -12.83 12.91
N SER B 118 4.87 -13.91 12.48
CA SER B 118 4.05 -14.66 13.41
C SER B 118 4.27 -16.15 13.20
N GLY B 119 3.86 -16.93 14.19
CA GLY B 119 3.85 -18.37 14.08
C GLY B 119 5.24 -18.95 14.22
N GLY B 120 5.37 -20.17 13.77
CA GLY B 120 6.63 -20.86 13.81
C GLY B 120 6.71 -21.86 14.93
N PHE B 121 7.91 -22.41 15.09
CA PHE B 121 8.21 -23.47 16.02
C PHE B 121 9.49 -23.08 16.76
N ASP B 122 9.51 -23.26 18.07
CA ASP B 122 10.73 -22.92 18.82
C ASP B 122 11.49 -24.15 19.25
N GLY B 123 11.08 -25.32 18.78
CA GLY B 123 11.65 -26.56 19.29
C GLY B 123 10.63 -27.35 20.08
N SER B 124 9.88 -26.67 20.95
CA SER B 124 8.89 -27.31 21.81
C SER B 124 7.45 -27.03 21.38
N ARG B 125 7.07 -25.75 21.26
CA ARG B 125 5.70 -25.37 20.94
C ARG B 125 5.65 -24.56 19.66
N ARG B 126 4.58 -24.77 18.89
CA ARG B 126 4.24 -23.84 17.83
C ARG B 126 3.63 -22.57 18.42
N HIS B 127 3.80 -21.46 17.71
CA HIS B 127 3.51 -20.14 18.25
C HIS B 127 2.17 -19.61 17.73
N THR B 128 1.35 -19.07 18.64
CA THR B 128 0.26 -18.19 18.23
C THR B 128 0.73 -16.75 18.10
N SER B 129 1.84 -16.41 18.74
CA SER B 129 2.20 -15.02 18.95
C SER B 129 2.70 -14.41 17.65
N MET B 130 2.52 -13.11 17.54
CA MET B 130 3.05 -12.28 16.49
C MET B 130 3.89 -11.17 17.12
N GLU B 131 4.93 -10.76 16.41
CA GLU B 131 5.73 -9.64 16.90
C GLU B 131 6.20 -8.85 15.71
N ARG B 132 6.54 -7.60 15.98
CA ARG B 132 6.78 -6.59 14.97
C ARG B 132 8.10 -5.91 15.25
N TYR B 133 8.82 -5.58 14.19
CA TYR B 133 10.16 -5.01 14.30
C TYR B 133 10.15 -3.62 13.68
N ASP B 134 10.63 -2.65 14.44
CA ASP B 134 10.80 -1.27 13.98
C ASP B 134 12.26 -1.00 13.71
N PRO B 135 12.72 -0.97 12.46
CA PRO B 135 14.15 -0.79 12.22
C PRO B 135 14.68 0.54 12.71
N ASN B 136 13.83 1.54 12.87
CA ASN B 136 14.30 2.86 13.29
C ASN B 136 14.81 2.86 14.72
N ILE B 137 14.35 1.94 15.56
CA ILE B 137 14.85 1.81 16.92
C ILE B 137 15.35 0.41 17.20
N ASP B 138 15.38 -0.45 16.19
CA ASP B 138 15.96 -1.79 16.27
C ASP B 138 15.42 -2.57 17.47
N GLN B 139 14.09 -2.67 17.53
CA GLN B 139 13.42 -3.37 18.62
C GLN B 139 12.22 -4.16 18.10
N TRP B 140 12.02 -5.34 18.67
CA TRP B 140 10.85 -6.18 18.41
C TRP B 140 9.82 -5.99 19.51
N SER B 141 8.53 -6.06 19.15
CA SER B 141 7.43 -5.94 20.10
C SER B 141 6.39 -7.02 19.87
N MET B 142 5.90 -7.62 20.96
CA MET B 142 4.78 -8.55 20.89
C MET B 142 3.48 -7.85 20.53
N LEU B 143 2.66 -8.55 19.75
CA LEU B 143 1.33 -8.07 19.37
C LEU B 143 0.34 -9.17 19.74
N GLY B 144 -0.86 -9.12 19.16
CA GLY B 144 -1.89 -10.07 19.55
C GLY B 144 -1.65 -11.46 18.99
N ASP B 145 -1.94 -12.48 19.81
CA ASP B 145 -1.90 -13.87 19.38
C ASP B 145 -2.87 -14.14 18.25
N MET B 146 -2.45 -14.99 17.30
CA MET B 146 -3.40 -15.60 16.37
C MET B 146 -4.33 -16.52 17.14
N GLN B 147 -5.41 -16.91 16.47
CA GLN B 147 -6.40 -17.79 17.09
C GLN B 147 -6.02 -19.27 17.00
N THR B 148 -5.16 -19.62 16.05
CA THR B 148 -4.59 -20.95 15.92
C THR B 148 -3.08 -20.83 15.91
N ALA B 149 -2.39 -21.70 16.65
CA ALA B 149 -0.93 -21.77 16.54
C ALA B 149 -0.57 -22.35 15.18
N ARG B 150 0.53 -21.86 14.60
CA ARG B 150 0.86 -22.27 13.24
C ARG B 150 2.36 -22.23 13.00
N GLU B 151 2.91 -23.31 12.46
CA GLU B 151 4.18 -23.23 11.74
C GLU B 151 3.94 -23.46 10.25
N GLY B 152 4.91 -23.03 9.44
CA GLY B 152 4.84 -23.23 8.01
C GLY B 152 3.66 -22.55 7.35
N ALA B 153 3.23 -21.42 7.90
CA ALA B 153 2.07 -20.68 7.42
C ALA B 153 2.52 -19.32 6.94
N GLY B 154 2.27 -19.01 5.68
CA GLY B 154 2.75 -17.76 5.14
C GLY B 154 2.00 -16.55 5.68
N LEU B 155 2.64 -15.38 5.55
CA LEU B 155 2.08 -14.09 5.93
C LEU B 155 2.14 -13.16 4.73
N VAL B 156 0.99 -12.61 4.35
CA VAL B 156 0.94 -11.70 3.22
C VAL B 156 0.11 -10.48 3.60
N VAL B 157 0.50 -9.32 3.04
CA VAL B 157 -0.21 -8.06 3.25
C VAL B 157 -1.05 -7.76 2.02
N ALA B 158 -2.30 -7.33 2.25
CA ALA B 158 -3.17 -6.94 1.15
C ALA B 158 -3.98 -5.73 1.61
N SER B 159 -3.71 -4.56 1.03
CA SER B 159 -4.49 -3.35 1.37
C SER B 159 -4.45 -3.05 2.86
N GLY B 160 -3.25 -3.04 3.44
CA GLY B 160 -3.03 -2.68 4.83
C GLY B 160 -3.35 -3.74 5.87
N VAL B 161 -3.88 -4.90 5.47
CA VAL B 161 -4.26 -5.95 6.40
C VAL B 161 -3.40 -7.18 6.15
N ILE B 162 -3.12 -7.92 7.21
CA ILE B 162 -2.25 -9.09 7.15
C ILE B 162 -3.10 -10.36 7.16
N TYR B 163 -2.78 -11.29 6.25
CA TYR B 163 -3.37 -12.62 6.24
C TYR B 163 -2.30 -13.66 6.56
N CYS B 164 -2.70 -14.68 7.31
CA CYS B 164 -1.85 -15.81 7.65
C CYS B 164 -2.65 -17.05 7.30
N LEU B 165 -2.07 -17.94 6.49
CA LEU B 165 -2.85 -18.91 5.74
C LEU B 165 -2.34 -20.32 5.99
N GLY B 166 -3.22 -21.20 6.46
CA GLY B 166 -2.88 -22.61 6.66
C GLY B 166 -1.78 -22.82 7.69
N GLY B 167 -0.93 -23.80 7.42
CA GLY B 167 0.16 -24.15 8.31
C GLY B 167 -0.08 -25.43 9.06
N TYR B 168 0.68 -25.60 10.14
CA TYR B 168 0.70 -26.82 10.94
C TYR B 168 0.87 -26.40 12.40
N ASP B 169 0.14 -27.07 13.29
CA ASP B 169 0.15 -26.64 14.69
C ASP B 169 0.69 -27.68 15.65
N GLY B 170 0.92 -28.92 15.21
CA GLY B 170 1.30 -29.95 16.17
C GLY B 170 0.52 -31.24 16.03
N LEU B 171 -0.77 -31.16 15.67
CA LEU B 171 -1.50 -32.36 15.23
C LEU B 171 -1.89 -32.32 13.77
N ASN B 172 -2.55 -31.26 13.31
CA ASN B 172 -3.18 -31.24 12.00
C ASN B 172 -2.57 -30.17 11.10
N ILE B 173 -2.42 -30.52 9.82
CA ILE B 173 -2.32 -29.51 8.79
C ILE B 173 -3.62 -28.70 8.78
N LEU B 174 -3.49 -27.40 8.51
CA LEU B 174 -4.60 -26.45 8.67
C LEU B 174 -5.05 -25.92 7.33
N ASN B 175 -6.36 -25.75 7.17
CA ASN B 175 -6.87 -24.97 6.05
C ASN B 175 -7.44 -23.61 6.48
N SER B 176 -7.48 -23.31 7.78
CA SER B 176 -8.05 -22.03 8.22
C SER B 176 -7.15 -20.87 7.80
N VAL B 177 -7.78 -19.70 7.57
CA VAL B 177 -7.09 -18.44 7.25
C VAL B 177 -7.59 -17.35 8.21
N GLU B 178 -6.66 -16.64 8.84
CA GLU B 178 -7.02 -15.54 9.71
C GLU B 178 -6.38 -14.28 9.19
N LYS B 179 -6.99 -13.14 9.55
CA LYS B 179 -6.50 -11.84 9.12
C LYS B 179 -6.44 -10.93 10.33
N TYR B 180 -5.38 -10.14 10.35
CA TYR B 180 -5.07 -9.22 11.43
C TYR B 180 -5.30 -7.84 10.91
N ASP B 181 -6.12 -7.08 11.62
CA ASP B 181 -6.42 -5.70 11.25
C ASP B 181 -5.60 -4.80 12.15
N PRO B 182 -4.64 -4.04 11.62
CA PRO B 182 -3.82 -3.19 12.50
C PRO B 182 -4.59 -2.04 13.10
N HIS B 183 -5.75 -1.68 12.53
CA HIS B 183 -6.56 -0.64 13.14
C HIS B 183 -7.39 -1.18 14.29
N THR B 184 -7.60 -2.50 14.38
CA THR B 184 -8.23 -3.06 15.56
C THR B 184 -7.29 -3.87 16.43
N GLY B 185 -6.11 -4.23 15.94
CA GLY B 185 -5.21 -5.13 16.66
C GLY B 185 -5.79 -6.49 16.95
N HIS B 186 -6.72 -6.97 16.13
CA HIS B 186 -7.34 -8.27 16.36
C HIS B 186 -7.16 -9.18 15.14
N TRP B 187 -7.20 -10.48 15.39
CA TRP B 187 -7.28 -11.49 14.35
C TRP B 187 -8.72 -11.97 14.18
N THR B 188 -9.08 -12.26 12.93
CA THR B 188 -10.37 -12.87 12.66
C THR B 188 -10.20 -13.89 11.54
N ASN B 189 -11.02 -14.93 11.59
CA ASN B 189 -11.03 -15.95 10.55
C ASN B 189 -11.77 -15.45 9.31
N VAL B 190 -11.22 -15.79 8.15
CA VAL B 190 -11.91 -15.59 6.88
C VAL B 190 -12.25 -16.97 6.32
N THR B 191 -12.75 -17.02 5.08
CA THR B 191 -12.98 -18.30 4.43
C THR B 191 -11.70 -19.13 4.40
N PRO B 192 -11.75 -20.39 4.79
CA PRO B 192 -10.55 -21.24 4.76
C PRO B 192 -10.25 -21.73 3.35
N MET B 193 -9.03 -22.27 3.19
CA MET B 193 -8.67 -22.88 1.91
C MET B 193 -9.44 -24.17 1.68
N ALA B 194 -9.62 -24.53 0.42
CA ALA B 194 -10.18 -25.84 0.12
C ALA B 194 -9.26 -26.95 0.60
N THR B 195 -7.94 -26.80 0.42
CA THR B 195 -7.00 -27.85 0.77
C THR B 195 -6.20 -27.48 2.01
N LYS B 196 -6.15 -28.38 2.99
CA LYS B 196 -5.25 -28.17 4.12
C LYS B 196 -3.80 -28.14 3.64
N ARG B 197 -3.08 -27.08 3.97
CA ARG B 197 -1.75 -26.89 3.40
C ARG B 197 -0.78 -26.36 4.42
N SER B 198 0.40 -26.98 4.50
CA SER B 198 1.53 -26.42 5.22
C SER B 198 2.75 -26.38 4.30
N GLY B 199 3.61 -25.39 4.55
CA GLY B 199 4.78 -25.19 3.71
C GLY B 199 4.49 -24.86 2.27
N ALA B 200 3.38 -24.19 1.99
CA ALA B 200 3.08 -23.71 0.64
C ALA B 200 3.70 -22.32 0.43
N GLY B 201 3.73 -21.88 -0.82
CA GLY B 201 4.10 -20.52 -1.12
C GLY B 201 2.86 -19.63 -1.14
N VAL B 202 3.03 -18.37 -0.70
CA VAL B 202 1.97 -17.37 -0.73
C VAL B 202 2.53 -16.05 -1.24
N ALA B 203 1.74 -15.38 -2.07
CA ALA B 203 2.07 -14.08 -2.61
C ALA B 203 0.78 -13.40 -3.04
N LEU B 204 0.83 -12.07 -3.12
CA LEU B 204 -0.29 -11.27 -3.56
C LEU B 204 -0.03 -10.85 -5.00
N LEU B 205 -0.96 -11.19 -5.90
CA LEU B 205 -0.91 -10.77 -7.30
C LEU B 205 -2.31 -10.38 -7.77
N ASN B 206 -2.45 -9.14 -8.25
CA ASN B 206 -3.73 -8.59 -8.72
C ASN B 206 -4.91 -9.02 -7.83
N ASP B 207 -4.88 -8.57 -6.58
CA ASP B 207 -6.04 -8.69 -5.68
C ASP B 207 -6.46 -10.13 -5.43
N HIS B 208 -5.58 -11.10 -5.71
CA HIS B 208 -5.76 -12.49 -5.31
C HIS B 208 -4.54 -12.97 -4.53
N ILE B 209 -4.76 -13.62 -3.39
CA ILE B 209 -3.67 -14.27 -2.69
C ILE B 209 -3.57 -15.70 -3.19
N TYR B 210 -2.45 -16.02 -3.81
CA TYR B 210 -2.24 -17.36 -4.31
C TYR B 210 -1.51 -18.16 -3.24
N VAL B 211 -1.92 -19.42 -3.09
CA VAL B 211 -1.19 -20.40 -2.29
C VAL B 211 -0.80 -21.54 -3.21
N VAL B 212 0.47 -21.97 -3.14
CA VAL B 212 1.03 -22.90 -4.11
C VAL B 212 1.68 -24.07 -3.38
N GLY B 213 1.26 -25.29 -3.73
CA GLY B 213 1.97 -26.45 -3.24
C GLY B 213 1.85 -26.65 -1.74
N GLY B 214 2.92 -27.17 -1.14
CA GLY B 214 2.91 -27.53 0.27
C GLY B 214 2.45 -28.95 0.51
N PHE B 215 2.21 -29.25 1.79
CA PHE B 215 1.87 -30.58 2.29
C PHE B 215 0.45 -30.57 2.84
N ASP B 216 -0.35 -31.56 2.46
CA ASP B 216 -1.72 -31.66 2.97
C ASP B 216 -1.85 -32.75 4.03
N GLY B 217 -0.76 -33.08 4.72
CA GLY B 217 -0.75 -34.13 5.71
C GLY B 217 -0.56 -35.53 5.16
N THR B 218 -0.92 -35.76 3.91
CA THR B 218 -0.74 -37.07 3.28
C THR B 218 0.13 -37.03 2.02
N ALA B 219 0.08 -35.95 1.24
CA ALA B 219 0.72 -35.88 -0.06
C ALA B 219 1.48 -34.57 -0.19
N HIS B 220 2.51 -34.56 -1.04
CA HIS B 220 3.18 -33.33 -1.42
C HIS B 220 2.43 -32.74 -2.61
N LEU B 221 2.14 -31.43 -2.55
CA LEU B 221 1.12 -30.83 -3.40
C LEU B 221 1.72 -30.08 -4.57
N SER B 222 1.12 -30.27 -5.74
CA SER B 222 1.31 -29.41 -6.89
C SER B 222 0.12 -28.47 -7.09
N SER B 223 -0.98 -28.71 -6.39
CA SER B 223 -2.18 -27.90 -6.54
C SER B 223 -1.92 -26.47 -6.08
N VAL B 224 -2.79 -25.56 -6.55
CA VAL B 224 -2.74 -24.12 -6.33
C VAL B 224 -4.16 -23.58 -6.10
N GLU B 225 -4.29 -22.65 -5.15
CA GLU B 225 -5.57 -21.96 -4.87
C GLU B 225 -5.37 -20.45 -4.88
N ALA B 226 -6.42 -19.71 -5.27
CA ALA B 226 -6.42 -18.26 -5.21
C ALA B 226 -7.61 -17.78 -4.37
N TYR B 227 -7.34 -16.83 -3.48
CA TYR B 227 -8.33 -16.25 -2.59
C TYR B 227 -8.64 -14.84 -3.09
N ASN B 228 -9.90 -14.58 -3.38
CA ASN B 228 -10.29 -13.25 -3.82
C ASN B 228 -10.60 -12.40 -2.59
N ILE B 229 -9.83 -11.34 -2.38
CA ILE B 229 -9.98 -10.56 -1.16
C ILE B 229 -11.31 -9.83 -1.11
N ARG B 230 -12.10 -9.87 -2.18
CA ARG B 230 -13.36 -9.13 -2.26
C ARG B 230 -14.58 -10.03 -2.00
N THR B 231 -14.61 -11.24 -2.54
CA THR B 231 -15.72 -12.16 -2.33
C THR B 231 -15.48 -13.11 -1.17
N ASP B 232 -14.31 -13.02 -0.52
CA ASP B 232 -14.00 -13.89 0.61
C ASP B 232 -14.25 -15.35 0.22
N SER B 233 -13.61 -15.79 -0.86
CA SER B 233 -13.82 -17.14 -1.34
C SER B 233 -12.67 -17.57 -2.23
N TRP B 234 -12.47 -18.89 -2.29
CA TRP B 234 -11.31 -19.50 -2.92
C TRP B 234 -11.69 -20.14 -4.25
N THR B 235 -10.73 -20.09 -5.17
CA THR B 235 -10.87 -20.63 -6.51
C THR B 235 -9.65 -21.47 -6.83
N THR B 236 -9.86 -22.67 -7.35
CA THR B 236 -8.74 -23.49 -7.76
C THR B 236 -8.07 -22.86 -8.98
N VAL B 237 -6.76 -23.07 -9.09
CA VAL B 237 -5.94 -22.53 -10.16
C VAL B 237 -5.11 -23.68 -10.70
N THR B 238 -4.61 -23.52 -11.94
CA THR B 238 -3.82 -24.55 -12.60
C THR B 238 -2.65 -25.00 -11.73
N SER B 239 -2.54 -26.31 -11.53
CA SER B 239 -1.49 -26.86 -10.68
C SER B 239 -0.11 -26.57 -11.28
N MET B 240 0.89 -26.47 -10.41
CA MET B 240 2.24 -26.30 -10.91
C MET B 240 2.72 -27.57 -11.61
N THR B 241 3.87 -27.43 -12.27
CA THR B 241 4.40 -28.51 -13.09
C THR B 241 4.84 -29.71 -12.26
N THR B 242 5.11 -29.52 -10.97
CA THR B 242 5.61 -30.55 -10.07
C THR B 242 5.14 -30.26 -8.66
N PRO B 243 5.01 -31.30 -7.82
CA PRO B 243 4.80 -31.02 -6.39
C PRO B 243 5.94 -30.17 -5.86
N ARG B 244 5.59 -29.21 -5.01
CA ARG B 244 6.59 -28.36 -4.36
C ARG B 244 6.15 -28.12 -2.91
N CYS B 245 7.01 -28.46 -1.98
CA CYS B 245 6.69 -28.37 -0.57
C CYS B 245 7.80 -27.64 0.16
N TYR B 246 7.41 -26.77 1.07
CA TYR B 246 8.31 -25.81 1.70
C TYR B 246 8.95 -24.95 0.61
N VAL B 247 8.08 -24.36 -0.20
CA VAL B 247 8.43 -23.59 -1.39
C VAL B 247 8.09 -22.13 -1.13
N GLY B 248 8.91 -21.22 -1.64
CA GLY B 248 8.64 -19.79 -1.58
C GLY B 248 7.95 -19.27 -2.83
N ALA B 249 7.08 -18.29 -2.64
CA ALA B 249 6.45 -17.61 -3.76
C ALA B 249 6.70 -16.12 -3.65
N THR B 250 6.69 -15.47 -4.81
CA THR B 250 6.93 -14.05 -4.95
C THR B 250 6.48 -13.66 -6.35
N VAL B 251 6.29 -12.37 -6.56
CA VAL B 251 5.86 -11.85 -7.85
C VAL B 251 6.95 -10.92 -8.36
N LEU B 252 7.36 -11.12 -9.60
CA LEU B 252 8.28 -10.22 -10.27
C LEU B 252 7.59 -9.73 -11.54
N ARG B 253 7.61 -8.42 -11.74
CA ARG B 253 7.08 -7.83 -12.96
C ARG B 253 5.76 -8.49 -13.35
N GLY B 254 4.84 -8.56 -12.38
CA GLY B 254 3.50 -9.04 -12.65
C GLY B 254 3.34 -10.52 -12.83
N ARG B 255 4.34 -11.33 -12.51
CA ARG B 255 4.19 -12.78 -12.61
C ARG B 255 4.49 -13.47 -11.28
N LEU B 256 3.82 -14.59 -11.07
CA LEU B 256 3.97 -15.36 -9.85
C LEU B 256 5.07 -16.39 -10.06
N TYR B 257 6.04 -16.42 -9.15
CA TYR B 257 7.13 -17.36 -9.22
C TYR B 257 7.00 -18.33 -8.06
N ALA B 258 7.14 -19.61 -8.35
CA ALA B 258 7.22 -20.66 -7.35
C ALA B 258 8.65 -21.21 -7.36
N ILE B 259 9.32 -21.17 -6.21
CA ILE B 259 10.78 -21.22 -6.13
C ILE B 259 11.22 -22.55 -5.53
N ALA B 260 11.77 -23.43 -6.35
CA ALA B 260 12.51 -24.58 -5.83
C ALA B 260 11.56 -25.42 -4.97
N GLY B 261 12.03 -25.92 -3.84
CA GLY B 261 11.19 -26.69 -2.95
C GLY B 261 11.57 -28.17 -2.95
N TYR B 262 10.70 -28.94 -2.30
CA TYR B 262 10.83 -30.38 -2.13
C TYR B 262 9.60 -31.04 -2.74
N ASP B 263 9.82 -31.97 -3.66
CA ASP B 263 8.73 -32.67 -4.33
C ASP B 263 8.30 -33.92 -3.60
N GLY B 264 8.76 -34.11 -2.35
CA GLY B 264 8.58 -35.33 -1.63
C GLY B 264 9.67 -36.36 -1.87
N ASN B 265 10.41 -36.25 -2.97
CA ASN B 265 11.45 -37.18 -3.37
C ASN B 265 12.84 -36.58 -3.18
N SER B 266 13.15 -35.49 -3.88
CA SER B 266 14.41 -34.78 -3.69
C SER B 266 14.15 -33.28 -3.75
N LEU B 267 15.16 -32.53 -3.30
CA LEU B 267 15.16 -31.08 -3.40
C LEU B 267 15.19 -30.63 -4.85
N LEU B 268 14.47 -29.55 -5.17
CA LEU B 268 14.44 -29.04 -6.54
C LEU B 268 15.35 -27.82 -6.67
N SER B 269 15.64 -27.47 -7.93
CA SER B 269 16.30 -26.22 -8.24
C SER B 269 15.54 -25.40 -9.26
N SER B 270 14.46 -25.94 -9.82
CA SER B 270 13.72 -25.25 -10.86
C SER B 270 12.83 -24.15 -10.28
N ILE B 271 12.66 -23.08 -11.06
CA ILE B 271 11.67 -22.05 -10.79
C ILE B 271 10.65 -22.05 -11.91
N GLU B 272 9.38 -22.12 -11.50
CA GLU B 272 8.27 -22.03 -12.46
C GLU B 272 7.59 -20.69 -12.27
N CYS B 273 7.08 -20.19 -13.37
CA CYS B 273 6.48 -18.86 -13.42
C CYS B 273 5.01 -18.97 -13.83
N TYR B 274 4.15 -18.26 -13.13
CA TYR B 274 2.72 -18.30 -13.46
C TYR B 274 2.21 -16.92 -13.89
N ASP B 275 1.84 -16.80 -15.15
CA ASP B 275 1.19 -15.59 -15.64
C ASP B 275 -0.29 -15.88 -15.82
N PRO B 276 -1.17 -15.36 -14.96
CA PRO B 276 -2.61 -15.64 -15.12
C PRO B 276 -3.14 -15.37 -16.52
N ILE B 277 -2.48 -14.51 -17.30
CA ILE B 277 -2.86 -14.37 -18.70
C ILE B 277 -2.65 -15.68 -19.45
N ILE B 278 -1.55 -16.39 -19.16
CA ILE B 278 -1.39 -17.73 -19.74
C ILE B 278 -2.25 -18.74 -18.98
N ASP B 279 -2.49 -18.50 -17.69
CA ASP B 279 -3.13 -19.47 -16.82
C ASP B 279 -2.40 -20.82 -16.87
N SER B 280 -1.08 -20.77 -17.08
CA SER B 280 -0.23 -21.95 -17.14
C SER B 280 1.08 -21.68 -16.43
N TRP B 281 1.61 -22.72 -15.78
CA TRP B 281 2.91 -22.66 -15.11
C TRP B 281 4.01 -23.08 -16.07
N GLU B 282 5.03 -22.24 -16.24
CA GLU B 282 6.14 -22.51 -17.15
C GLU B 282 7.45 -22.60 -16.35
N VAL B 283 8.17 -23.70 -16.50
CA VAL B 283 9.50 -23.81 -15.87
C VAL B 283 10.47 -22.94 -16.67
N VAL B 284 10.99 -21.87 -16.05
CA VAL B 284 11.70 -20.84 -16.78
C VAL B 284 13.19 -20.78 -16.46
N THR B 285 13.65 -21.40 -15.38
CA THR B 285 15.08 -21.38 -15.08
C THR B 285 15.38 -22.32 -13.93
N SER B 286 16.67 -22.50 -13.67
CA SER B 286 17.16 -23.42 -12.64
C SER B 286 18.15 -22.67 -11.78
N MET B 287 18.00 -22.82 -10.47
CA MET B 287 18.96 -22.25 -9.53
C MET B 287 20.26 -23.02 -9.62
N GLY B 288 21.30 -22.42 -9.04
CA GLY B 288 22.57 -23.10 -8.91
C GLY B 288 22.68 -24.04 -7.74
N THR B 289 21.62 -24.15 -6.94
CA THR B 289 21.56 -25.01 -5.76
C THR B 289 20.21 -25.72 -5.75
N GLN B 290 20.06 -26.71 -4.89
CA GLN B 290 18.77 -27.35 -4.64
C GLN B 290 18.34 -27.04 -3.22
N ARG B 291 17.11 -26.53 -3.03
CA ARG B 291 16.72 -26.14 -1.68
C ARG B 291 15.25 -26.41 -1.39
N CYS B 292 14.95 -26.52 -0.10
CA CYS B 292 13.60 -26.30 0.37
C CYS B 292 13.70 -25.45 1.63
N ASP B 293 12.54 -24.99 2.09
CA ASP B 293 12.39 -24.00 3.17
C ASP B 293 13.46 -22.91 3.13
N ALA B 294 13.73 -22.39 1.95
CA ALA B 294 14.57 -21.22 1.85
C ALA B 294 13.72 -19.94 1.85
N GLY B 295 14.33 -18.83 2.26
CA GLY B 295 13.68 -17.53 2.12
C GLY B 295 13.74 -17.02 0.68
N VAL B 296 12.67 -16.33 0.26
CA VAL B 296 12.60 -15.65 -1.04
C VAL B 296 12.05 -14.25 -0.83
N CYS B 297 12.53 -13.31 -1.65
CA CYS B 297 12.10 -11.92 -1.56
C CYS B 297 12.61 -11.19 -2.81
N VAL B 298 12.01 -10.04 -3.08
CA VAL B 298 12.27 -9.31 -4.31
C VAL B 298 13.00 -8.01 -4.00
N LEU B 299 13.85 -7.59 -4.91
CA LEU B 299 14.60 -6.34 -4.77
C LEU B 299 14.20 -5.41 -5.90
N ARG B 300 13.97 -4.14 -5.56
CA ARG B 300 13.64 -3.10 -6.55
C ARG B 300 14.91 -2.38 -6.95
N GLU B 301 15.70 -3.05 -7.80
CA GLU B 301 17.01 -2.55 -8.21
C GLU B 301 16.95 -1.32 -9.13
N GLY C 1 6.06 9.35 -11.29
CA GLY C 1 6.29 10.20 -10.13
C GLY C 1 7.04 11.49 -10.42
N GLN C 2 7.01 11.91 -11.68
CA GLN C 2 7.62 13.15 -12.14
C GLN C 2 6.75 14.37 -11.88
N ALA C 3 5.93 14.35 -10.82
CA ALA C 3 5.22 15.59 -10.54
C ALA C 3 6.05 16.48 -9.61
N PRO C 4 6.08 17.79 -9.86
CA PRO C 4 7.00 18.65 -9.09
C PRO C 4 6.86 18.45 -7.58
N GLY C 5 7.96 18.00 -6.96
CA GLY C 5 8.01 17.76 -5.53
C GLY C 5 7.44 16.44 -5.06
N ALA C 6 6.98 15.59 -5.96
CA ALA C 6 6.44 14.29 -5.57
C ALA C 6 7.54 13.27 -5.36
N PRO C 7 7.23 12.17 -4.67
CA PRO C 7 8.25 11.14 -4.40
C PRO C 7 8.78 10.54 -5.68
N PRO C 8 10.09 10.23 -5.74
CA PRO C 8 10.69 9.52 -6.88
C PRO C 8 9.96 8.22 -7.17
N GLN D 2 8.44 -28.06 13.39
CA GLN D 2 8.86 -28.00 12.00
C GLN D 2 9.20 -29.40 11.52
N ALA D 3 8.44 -29.90 10.54
CA ALA D 3 8.71 -31.25 10.08
C ALA D 3 7.76 -31.71 8.98
N PRO D 4 6.43 -31.58 9.14
CA PRO D 4 5.51 -32.31 8.24
C PRO D 4 5.80 -32.08 6.77
N GLY D 5 6.25 -33.13 6.07
CA GLY D 5 6.54 -33.09 4.65
C GLY D 5 7.95 -32.67 4.29
N ALA D 6 8.79 -32.33 5.27
CA ALA D 6 10.17 -31.95 5.03
C ALA D 6 11.03 -33.18 4.82
N PRO D 7 12.23 -33.01 4.23
CA PRO D 7 13.11 -34.16 4.02
C PRO D 7 13.44 -34.85 5.32
N PRO D 8 13.94 -36.09 5.28
CA PRO D 8 14.27 -36.86 6.49
C PRO D 8 15.20 -36.09 7.45
C1 EDO E . 8.87 8.31 -0.08
O1 EDO E . 9.35 7.09 0.50
C2 EDO E . 9.67 8.63 -1.34
O2 EDO E . 9.28 7.73 -2.37
H11 EDO E . 8.97 9.12 0.64
H12 EDO E . 7.81 8.19 -0.33
HO1 EDO E . 8.93 6.96 1.37
H21 EDO E . 10.74 8.55 -1.14
H22 EDO E . 9.47 9.66 -1.65
HO2 EDO E . 9.71 7.98 -3.20
NA NA F . -4.57 -5.00 -3.56
NA NA G . 21.92 -6.26 -5.95
NA NA H . 25.89 -9.21 -9.07
NA NA I . -0.86 -2.25 15.15
#